data_6RJ2
#
_entry.id   6RJ2
#
_cell.length_a   43.003
_cell.length_b   110.369
_cell.length_c   65.679
_cell.angle_alpha   90.000
_cell.angle_beta   91.620
_cell.angle_gamma   90.000
#
_symmetry.space_group_name_H-M   'P 1 21 1'
#
loop_
_entity.id
_entity.type
_entity.pdbx_description
1 polymer 'D-3-phosphoglycerate dehydrogenase'
2 non-polymer 'SULFATE ION'
3 non-polymer ~{N}-[(1~{R})-1-[4-(ethanoylsulfamoyl)phenyl]ethyl]-2-methyl-5-phenyl-pyrazole-3-carboxamide
4 water water
#
_entity_poly.entity_id   1
_entity_poly.type   'polypeptide(L)'
_entity_poly.pdbx_seq_one_letter_code
;SMANLRKVLISDSLDPCCRKILQDGGLQVVEKQNLSKEELIAELQDCEGLIVRSATKVTADVINAAEKLQVVGRAGTGVD
NVDLEAATRKGILVMNTPNGNSLSAAELTCGMIMCLARQIPQATASMKDGKWERKKFMGTELNGKTLGILGLGRIGREVA
TRMQSFGMKTIGYDPIISPEVSASFGVQQLPLEEIWPLCDFITVHTPLLPSTTGLLNDNTFAQCKKGVRVVNCARGGIVD
EGALLRALQSGQCAGAALDVFTEEPPRDRALVDHENVISCPHLGASTKEAQSRCGEEIAVQFVDMVKGKSLTGV
;
_entity_poly.pdbx_strand_id   A,B
#
loop_
_chem_comp.id
_chem_comp.type
_chem_comp.name
_chem_comp.formula
K52 non-polymer ~{N}-[(1~{R})-1-[4-(ethanoylsulfamoyl)phenyl]ethyl]-2-methyl-5-phenyl-pyrazole-3-carboxamide 'C21 H22 N4 O4 S'
SO4 non-polymer 'SULFATE ION' 'O4 S -2'
#
# COMPACT_ATOMS: atom_id res chain seq x y z
N VAL A 8 -7.40 -14.85 -38.05
CA VAL A 8 -7.28 -14.94 -36.59
C VAL A 8 -8.67 -14.81 -35.93
N LEU A 9 -8.95 -15.68 -34.95
CA LEU A 9 -10.19 -15.67 -34.17
C LEU A 9 -9.88 -15.18 -32.76
N ILE A 10 -10.74 -14.29 -32.21
CA ILE A 10 -10.63 -13.81 -30.82
C ILE A 10 -11.77 -14.49 -30.07
N SER A 11 -11.44 -15.50 -29.24
CA SER A 11 -12.41 -16.33 -28.52
C SER A 11 -12.89 -15.76 -27.18
N ASP A 12 -12.14 -14.81 -26.58
CA ASP A 12 -12.50 -14.22 -25.29
C ASP A 12 -12.82 -12.73 -25.37
N SER A 13 -13.33 -12.15 -24.27
CA SER A 13 -13.67 -10.73 -24.18
C SER A 13 -12.38 -9.90 -24.13
N LEU A 14 -12.04 -9.27 -25.26
CA LEU A 14 -10.83 -8.47 -25.38
C LEU A 14 -11.08 -7.02 -25.81
N ASP A 15 -10.08 -6.15 -25.60
CA ASP A 15 -10.09 -4.72 -25.92
C ASP A 15 -10.28 -4.50 -27.44
N PRO A 16 -11.01 -3.45 -27.89
CA PRO A 16 -11.17 -3.26 -29.35
C PRO A 16 -9.89 -2.98 -30.13
N CYS A 17 -8.80 -2.57 -29.43
CA CYS A 17 -7.49 -2.27 -30.04
C CYS A 17 -6.76 -3.53 -30.58
N CYS A 18 -7.21 -4.74 -30.18
CA CYS A 18 -6.65 -6.02 -30.63
C CYS A 18 -6.80 -6.14 -32.14
N ARG A 19 -8.02 -5.86 -32.64
CA ARG A 19 -8.37 -5.90 -34.06
C ARG A 19 -7.59 -4.84 -34.84
N LYS A 20 -7.43 -3.63 -34.25
CA LYS A 20 -6.73 -2.47 -34.81
C LYS A 20 -5.34 -2.82 -35.33
N ILE A 21 -4.45 -3.32 -34.45
CA ILE A 21 -3.07 -3.68 -34.80
C ILE A 21 -3.03 -4.88 -35.77
N LEU A 22 -3.91 -5.89 -35.57
CA LEU A 22 -4.01 -7.09 -36.43
C LEU A 22 -4.38 -6.70 -37.87
N GLN A 23 -5.38 -5.80 -38.04
CA GLN A 23 -5.86 -5.32 -39.33
C GLN A 23 -4.85 -4.42 -40.03
N ASP A 24 -4.30 -3.42 -39.29
CA ASP A 24 -3.28 -2.50 -39.81
C ASP A 24 -1.96 -3.23 -40.17
N GLY A 25 -1.85 -4.47 -39.70
CA GLY A 25 -0.73 -5.36 -39.98
C GLY A 25 -0.95 -6.19 -41.23
N GLY A 26 -2.22 -6.28 -41.67
CA GLY A 26 -2.63 -6.98 -42.88
C GLY A 26 -3.49 -8.23 -42.70
N LEU A 27 -3.76 -8.64 -41.45
CA LEU A 27 -4.54 -9.84 -41.14
C LEU A 27 -6.05 -9.59 -41.01
N GLN A 28 -6.87 -10.58 -41.39
CA GLN A 28 -8.34 -10.55 -41.29
C GLN A 28 -8.75 -11.17 -39.95
N VAL A 29 -9.68 -10.51 -39.21
CA VAL A 29 -10.10 -10.95 -37.87
C VAL A 29 -11.59 -11.32 -37.79
N VAL A 30 -11.93 -12.20 -36.83
CA VAL A 30 -13.27 -12.69 -36.45
C VAL A 30 -13.30 -12.66 -34.90
N GLU A 31 -14.25 -11.92 -34.30
CA GLU A 31 -14.34 -11.83 -32.83
C GLU A 31 -15.32 -12.87 -32.23
N LYS A 32 -16.25 -12.43 -31.35
CA LYS A 32 -17.28 -13.21 -30.64
C LYS A 32 -16.71 -14.05 -29.48
N GLN A 33 -17.43 -14.08 -28.34
CA GLN A 33 -17.05 -14.80 -27.14
C GLN A 33 -18.17 -15.71 -26.60
N ASN A 34 -17.88 -16.46 -25.49
CA ASN A 34 -18.78 -17.43 -24.83
C ASN A 34 -19.17 -18.56 -25.81
N LEU A 35 -18.13 -19.12 -26.46
CA LEU A 35 -18.23 -20.19 -27.46
C LEU A 35 -18.08 -21.56 -26.80
N SER A 36 -19.02 -22.48 -27.08
CA SER A 36 -19.05 -23.85 -26.53
C SER A 36 -17.97 -24.76 -27.16
N LYS A 37 -17.86 -26.01 -26.65
CA LYS A 37 -16.92 -27.05 -27.10
C LYS A 37 -16.97 -27.25 -28.61
N GLU A 38 -18.17 -27.52 -29.17
CA GLU A 38 -18.39 -27.72 -30.61
C GLU A 38 -18.27 -26.40 -31.38
N GLU A 39 -18.66 -25.28 -30.72
CA GLU A 39 -18.58 -23.92 -31.27
C GLU A 39 -17.09 -23.49 -31.34
N LEU A 40 -16.20 -24.27 -30.68
CA LEU A 40 -14.75 -24.12 -30.69
C LEU A 40 -14.13 -25.05 -31.74
N ILE A 41 -14.72 -26.26 -31.91
CA ILE A 41 -14.32 -27.25 -32.94
C ILE A 41 -14.54 -26.60 -34.30
N ALA A 42 -15.74 -26.02 -34.50
CA ALA A 42 -16.11 -25.23 -35.68
C ALA A 42 -15.65 -23.79 -35.37
N GLU A 43 -15.74 -22.85 -36.34
CA GLU A 43 -15.30 -21.45 -36.23
C GLU A 43 -13.77 -21.30 -36.32
N LEU A 44 -13.01 -22.25 -35.73
CA LEU A 44 -11.55 -22.31 -35.82
C LEU A 44 -11.17 -23.10 -37.08
N GLN A 45 -12.06 -23.05 -38.10
CA GLN A 45 -12.01 -23.75 -39.38
C GLN A 45 -10.83 -23.39 -40.28
N ASP A 46 -10.64 -22.09 -40.59
CA ASP A 46 -9.61 -21.67 -41.54
C ASP A 46 -8.75 -20.46 -41.12
N CYS A 47 -8.34 -20.40 -39.83
CA CYS A 47 -7.46 -19.33 -39.35
C CYS A 47 -6.19 -19.87 -38.71
N GLU A 48 -5.04 -19.25 -39.06
CA GLU A 48 -3.69 -19.59 -38.59
C GLU A 48 -3.50 -19.27 -37.10
N GLY A 49 -4.22 -18.26 -36.62
CA GLY A 49 -4.13 -17.81 -35.24
C GLY A 49 -5.43 -17.84 -34.45
N LEU A 50 -5.30 -17.88 -33.12
CA LEU A 50 -6.37 -17.86 -32.14
C LEU A 50 -5.91 -17.05 -30.93
N ILE A 51 -6.69 -16.03 -30.56
CA ILE A 51 -6.40 -15.16 -29.41
C ILE A 51 -7.40 -15.43 -28.28
N VAL A 52 -6.87 -15.76 -27.08
CA VAL A 52 -7.63 -16.08 -25.88
C VAL A 52 -7.16 -15.26 -24.67
N ARG A 53 -7.90 -15.37 -23.56
CA ARG A 53 -7.59 -14.75 -22.28
C ARG A 53 -7.63 -15.85 -21.21
N SER A 54 -8.63 -15.84 -20.30
CA SER A 54 -8.73 -16.85 -19.25
C SER A 54 -9.95 -17.77 -19.39
N ALA A 55 -11.07 -17.24 -19.93
CA ALA A 55 -12.32 -17.98 -20.10
C ALA A 55 -12.24 -19.16 -21.07
N THR A 56 -11.73 -18.95 -22.31
CA THR A 56 -11.58 -20.03 -23.30
C THR A 56 -10.52 -21.03 -22.86
N LYS A 57 -10.92 -22.31 -22.75
CA LYS A 57 -10.03 -23.39 -22.34
C LYS A 57 -9.55 -24.14 -23.59
N VAL A 58 -8.32 -23.83 -24.02
CA VAL A 58 -7.71 -24.42 -25.21
C VAL A 58 -7.21 -25.84 -24.88
N THR A 59 -8.14 -26.81 -24.96
CA THR A 59 -7.88 -28.22 -24.65
C THR A 59 -7.38 -29.00 -25.86
N ALA A 60 -6.88 -30.24 -25.62
CA ALA A 60 -6.37 -31.18 -26.61
C ALA A 60 -7.36 -31.44 -27.74
N ASP A 61 -8.67 -31.55 -27.41
CA ASP A 61 -9.75 -31.78 -28.37
C ASP A 61 -9.90 -30.61 -29.34
N VAL A 62 -9.83 -29.38 -28.83
CA VAL A 62 -9.95 -28.12 -29.58
C VAL A 62 -8.76 -27.97 -30.53
N ILE A 63 -7.55 -28.21 -30.01
CA ILE A 63 -6.27 -28.13 -30.72
C ILE A 63 -6.24 -29.08 -31.93
N ASN A 64 -6.59 -30.37 -31.71
CA ASN A 64 -6.60 -31.43 -32.72
C ASN A 64 -7.64 -31.23 -33.83
N ALA A 65 -8.78 -30.59 -33.49
CA ALA A 65 -9.86 -30.33 -34.45
C ALA A 65 -9.50 -29.21 -35.43
N ALA A 66 -8.68 -28.24 -35.00
CA ALA A 66 -8.25 -27.10 -35.81
C ALA A 66 -6.89 -27.40 -36.44
N GLU A 67 -6.91 -28.02 -37.63
CA GLU A 67 -5.69 -28.42 -38.35
C GLU A 67 -4.93 -27.24 -38.99
N LYS A 68 -5.62 -26.09 -39.22
CA LYS A 68 -5.00 -24.90 -39.81
C LYS A 68 -4.24 -24.07 -38.78
N LEU A 69 -4.58 -24.28 -37.48
CA LEU A 69 -4.01 -23.59 -36.31
C LEU A 69 -2.48 -23.74 -36.22
N GLN A 70 -1.78 -22.60 -36.12
CA GLN A 70 -0.33 -22.53 -36.05
C GLN A 70 0.13 -21.79 -34.79
N VAL A 71 -0.69 -20.83 -34.34
CA VAL A 71 -0.37 -20.02 -33.16
C VAL A 71 -1.61 -19.80 -32.27
N VAL A 72 -1.40 -19.91 -30.95
CA VAL A 72 -2.40 -19.71 -29.90
C VAL A 72 -1.81 -18.61 -29.00
N GLY A 73 -2.46 -17.46 -29.01
CA GLY A 73 -2.03 -16.30 -28.24
C GLY A 73 -2.88 -16.07 -27.00
N ARG A 74 -2.22 -15.80 -25.88
CA ARG A 74 -2.84 -15.55 -24.59
C ARG A 74 -2.60 -14.09 -24.20
N ALA A 75 -3.69 -13.35 -23.98
CA ALA A 75 -3.61 -11.96 -23.54
C ALA A 75 -3.50 -11.97 -22.01
N GLY A 76 -2.28 -12.18 -21.55
CA GLY A 76 -1.93 -12.23 -20.14
C GLY A 76 -0.75 -13.13 -19.85
N THR A 77 -0.46 -13.37 -18.56
CA THR A 77 0.62 -14.22 -18.06
C THR A 77 -0.02 -15.54 -17.60
N GLY A 78 0.72 -16.63 -17.69
CA GLY A 78 0.23 -17.94 -17.27
C GLY A 78 -0.72 -18.56 -18.27
N VAL A 79 -0.31 -19.69 -18.84
CA VAL A 79 -1.08 -20.43 -19.83
C VAL A 79 -1.70 -21.73 -19.26
N ASP A 80 -2.31 -21.62 -18.07
CA ASP A 80 -2.98 -22.73 -17.37
C ASP A 80 -4.23 -23.21 -18.10
N ASN A 81 -4.89 -22.29 -18.84
CA ASN A 81 -6.09 -22.58 -19.64
C ASN A 81 -5.74 -23.11 -21.05
N VAL A 82 -4.44 -23.23 -21.37
CA VAL A 82 -3.96 -23.75 -22.66
C VAL A 82 -3.18 -25.04 -22.43
N ASP A 83 -3.63 -26.14 -23.08
CA ASP A 83 -2.96 -27.44 -22.99
C ASP A 83 -1.67 -27.33 -23.80
N LEU A 84 -0.57 -27.02 -23.09
CA LEU A 84 0.76 -26.82 -23.66
C LEU A 84 1.32 -28.03 -24.37
N GLU A 85 1.12 -29.24 -23.78
CA GLU A 85 1.57 -30.52 -24.32
C GLU A 85 0.89 -30.78 -25.67
N ALA A 86 -0.44 -30.57 -25.74
CA ALA A 86 -1.27 -30.78 -26.92
C ALA A 86 -0.92 -29.88 -28.09
N ALA A 87 -0.61 -28.59 -27.79
CA ALA A 87 -0.21 -27.61 -28.80
C ALA A 87 1.18 -27.98 -29.34
N THR A 88 2.11 -28.37 -28.43
CA THR A 88 3.45 -28.79 -28.80
C THR A 88 3.39 -30.05 -29.69
N ARG A 89 2.46 -31.00 -29.42
CA ARG A 89 2.25 -32.23 -30.21
C ARG A 89 1.87 -31.92 -31.66
N LYS A 90 1.06 -30.88 -31.88
CA LYS A 90 0.59 -30.49 -33.21
C LYS A 90 1.50 -29.46 -33.88
N GLY A 91 2.53 -29.03 -33.17
CA GLY A 91 3.50 -28.06 -33.66
C GLY A 91 2.99 -26.64 -33.65
N ILE A 92 2.04 -26.34 -32.74
CA ILE A 92 1.43 -25.04 -32.60
C ILE A 92 2.25 -24.22 -31.59
N LEU A 93 2.51 -22.95 -31.93
CA LEU A 93 3.22 -22.03 -31.08
C LEU A 93 2.24 -21.38 -30.10
N VAL A 94 2.57 -21.36 -28.81
CA VAL A 94 1.77 -20.73 -27.78
C VAL A 94 2.54 -19.53 -27.26
N MET A 95 1.95 -18.34 -27.40
CA MET A 95 2.54 -17.09 -26.94
C MET A 95 1.68 -16.40 -25.91
N ASN A 96 2.33 -15.66 -25.01
CA ASN A 96 1.63 -14.91 -23.96
C ASN A 96 2.18 -13.48 -23.87
N THR A 97 1.62 -12.65 -22.97
CA THR A 97 2.02 -11.25 -22.84
C THR A 97 2.40 -10.87 -21.40
N PRO A 98 3.53 -11.36 -20.84
CA PRO A 98 3.87 -10.99 -19.45
C PRO A 98 4.19 -9.52 -19.23
N ASN A 99 4.66 -8.81 -20.27
CA ASN A 99 5.00 -7.39 -20.20
C ASN A 99 3.77 -6.48 -20.01
N GLY A 100 2.63 -6.89 -20.57
CA GLY A 100 1.37 -6.17 -20.47
C GLY A 100 0.89 -6.07 -19.03
N ASN A 101 1.25 -7.06 -18.19
CA ASN A 101 0.90 -7.17 -16.78
C ASN A 101 1.94 -6.62 -15.84
N SER A 102 3.07 -6.13 -16.39
CA SER A 102 4.20 -5.62 -15.62
C SER A 102 3.84 -4.55 -14.61
N LEU A 103 3.18 -3.46 -15.05
CA LEU A 103 2.81 -2.36 -14.17
C LEU A 103 1.84 -2.74 -13.08
N SER A 104 0.82 -3.56 -13.40
CA SER A 104 -0.18 -4.01 -12.44
C SER A 104 0.44 -4.89 -11.37
N ALA A 105 1.36 -5.79 -11.76
CA ALA A 105 2.04 -6.70 -10.84
C ALA A 105 3.02 -5.93 -9.94
N ALA A 106 3.72 -4.92 -10.50
CA ALA A 106 4.64 -4.08 -9.75
C ALA A 106 3.87 -3.21 -8.74
N GLU A 107 2.74 -2.65 -9.18
CA GLU A 107 1.91 -1.82 -8.31
C GLU A 107 1.36 -2.59 -7.14
N LEU A 108 0.86 -3.83 -7.38
CA LEU A 108 0.35 -4.66 -6.30
C LEU A 108 1.44 -4.99 -5.29
N THR A 109 2.64 -5.38 -5.79
CA THR A 109 3.81 -5.70 -4.98
C THR A 109 4.13 -4.55 -4.02
N CYS A 110 4.17 -3.31 -4.54
CA CYS A 110 4.42 -2.09 -3.77
C CYS A 110 3.32 -1.89 -2.72
N GLY A 111 2.08 -2.14 -3.13
CA GLY A 111 0.93 -2.08 -2.23
C GLY A 111 1.13 -3.06 -1.08
N MET A 112 1.61 -4.27 -1.42
CA MET A 112 1.90 -5.36 -0.47
C MET A 112 3.01 -4.98 0.51
N ILE A 113 4.13 -4.39 0.03
CA ILE A 113 5.25 -3.93 0.89
C ILE A 113 4.69 -2.98 1.96
N MET A 114 3.91 -1.95 1.52
CA MET A 114 3.26 -0.95 2.36
C MET A 114 2.34 -1.58 3.40
N CYS A 115 1.55 -2.58 2.99
CA CYS A 115 0.63 -3.33 3.86
C CYS A 115 1.38 -4.14 4.90
N LEU A 116 2.61 -4.60 4.58
CA LEU A 116 3.41 -5.38 5.52
C LEU A 116 4.00 -4.49 6.61
N ALA A 117 4.43 -3.28 6.26
CA ALA A 117 4.96 -2.32 7.23
C ALA A 117 3.86 -1.74 8.14
N ARG A 118 2.63 -1.59 7.65
CA ARG A 118 1.62 -0.93 8.49
C ARG A 118 0.38 -1.76 8.88
N GLN A 119 0.21 -2.94 8.30
CA GLN A 119 -0.88 -3.91 8.55
C GLN A 119 -2.28 -3.32 8.35
N ILE A 120 -2.44 -2.58 7.24
CA ILE A 120 -3.70 -1.96 6.82
C ILE A 120 -4.81 -3.01 6.65
N PRO A 121 -4.57 -4.19 5.98
CA PRO A 121 -5.67 -5.17 5.84
C PRO A 121 -6.13 -5.74 7.18
N GLN A 122 -5.19 -5.98 8.11
CA GLN A 122 -5.52 -6.49 9.45
C GLN A 122 -6.21 -5.43 10.28
N ALA A 123 -5.74 -4.17 10.18
CA ALA A 123 -6.32 -3.03 10.90
C ALA A 123 -7.75 -2.82 10.40
N THR A 124 -8.00 -2.94 9.08
CA THR A 124 -9.34 -2.81 8.49
C THR A 124 -10.32 -3.83 9.09
N ALA A 125 -9.91 -5.12 9.12
CA ALA A 125 -10.66 -6.24 9.67
C ALA A 125 -10.96 -6.01 11.15
N SER A 126 -9.96 -5.51 11.90
CA SER A 126 -10.10 -5.18 13.31
C SER A 126 -11.16 -4.08 13.48
N MET A 127 -11.03 -2.99 12.69
CA MET A 127 -12.01 -1.87 12.70
C MET A 127 -13.41 -2.38 12.35
N LYS A 128 -13.50 -3.25 11.33
CA LYS A 128 -14.79 -3.81 10.91
C LYS A 128 -15.45 -4.70 11.99
N ASP A 129 -14.65 -5.19 12.97
CA ASP A 129 -15.17 -5.98 14.09
C ASP A 129 -15.49 -5.10 15.31
N GLY A 130 -15.49 -3.78 15.09
CA GLY A 130 -15.79 -2.77 16.12
C GLY A 130 -14.64 -2.53 17.08
N LYS A 131 -13.44 -2.99 16.72
CA LYS A 131 -12.25 -2.86 17.57
C LYS A 131 -11.45 -1.60 17.22
N TRP A 132 -10.68 -1.12 18.19
CA TRP A 132 -9.83 0.07 18.06
C TRP A 132 -8.53 -0.34 18.75
N GLU A 133 -7.72 -1.14 18.04
CA GLU A 133 -6.49 -1.76 18.54
C GLU A 133 -5.24 -1.03 18.11
N ARG A 134 -4.94 0.07 18.77
CA ARG A 134 -3.82 0.94 18.42
C ARG A 134 -2.47 0.29 18.68
N LYS A 135 -2.21 -0.19 19.91
CA LYS A 135 -0.96 -0.84 20.28
C LYS A 135 -0.62 -2.02 19.35
N LYS A 136 -1.60 -2.91 19.09
CA LYS A 136 -1.45 -4.09 18.21
C LYS A 136 -0.91 -3.77 16.82
N PHE A 137 -1.39 -2.67 16.21
CA PHE A 137 -1.00 -2.38 14.84
C PHE A 137 0.11 -1.32 14.70
N MET A 138 0.92 -1.13 15.77
CA MET A 138 2.11 -0.27 15.75
C MET A 138 3.03 -0.90 14.68
N GLY A 139 3.40 -0.10 13.69
CA GLY A 139 4.17 -0.59 12.55
C GLY A 139 5.58 -0.07 12.41
N THR A 140 6.05 -0.07 11.15
CA THR A 140 7.41 0.33 10.80
C THR A 140 7.44 1.23 9.57
N GLU A 141 8.45 2.07 9.50
CA GLU A 141 8.64 2.99 8.39
C GLU A 141 9.48 2.33 7.30
N LEU A 142 9.13 2.54 6.04
CA LEU A 142 9.86 2.01 4.89
C LEU A 142 11.13 2.79 4.63
N ASN A 143 11.13 4.11 4.93
CA ASN A 143 12.30 4.97 4.73
C ASN A 143 13.53 4.42 5.46
N GLY A 144 14.63 4.23 4.71
CA GLY A 144 15.87 3.71 5.26
C GLY A 144 15.95 2.21 5.38
N LYS A 145 14.89 1.47 4.97
CA LYS A 145 14.92 0.01 5.04
C LYS A 145 15.48 -0.58 3.74
N THR A 146 16.02 -1.81 3.82
CA THR A 146 16.56 -2.49 2.66
C THR A 146 15.53 -3.43 2.07
N LEU A 147 15.28 -3.27 0.78
CA LEU A 147 14.41 -4.10 -0.04
C LEU A 147 15.30 -4.92 -0.98
N GLY A 148 15.27 -6.23 -0.82
CA GLY A 148 15.98 -7.14 -1.70
C GLY A 148 15.04 -7.59 -2.78
N ILE A 149 15.42 -7.39 -4.06
CA ILE A 149 14.60 -7.76 -5.23
C ILE A 149 15.25 -8.89 -5.99
N LEU A 150 14.65 -10.08 -5.91
CA LEU A 150 15.16 -11.27 -6.59
C LEU A 150 14.38 -11.46 -7.88
N GLY A 151 15.06 -11.18 -8.98
CA GLY A 151 14.50 -11.18 -10.33
C GLY A 151 14.41 -9.74 -10.76
N LEU A 152 15.18 -9.37 -11.79
CA LEU A 152 15.23 -7.97 -12.21
C LEU A 152 14.78 -7.75 -13.64
N GLY A 153 13.66 -8.38 -14.00
CA GLY A 153 12.98 -8.15 -15.28
C GLY A 153 12.23 -6.83 -15.16
N ARG A 154 11.23 -6.58 -16.04
CA ARG A 154 10.44 -5.34 -16.00
C ARG A 154 9.68 -5.15 -14.66
N ILE A 155 9.11 -6.21 -14.09
CA ILE A 155 8.41 -6.08 -12.80
C ILE A 155 9.39 -5.66 -11.68
N GLY A 156 10.51 -6.37 -11.56
CA GLY A 156 11.58 -6.11 -10.58
C GLY A 156 12.07 -4.68 -10.61
N ARG A 157 12.37 -4.15 -11.81
CA ARG A 157 12.83 -2.78 -11.95
C ARG A 157 11.73 -1.76 -11.63
N GLU A 158 10.48 -2.01 -12.06
CA GLU A 158 9.34 -1.10 -11.76
C GLU A 158 9.11 -0.98 -10.24
N VAL A 159 9.19 -2.11 -9.50
CA VAL A 159 9.06 -2.17 -8.03
C VAL A 159 10.19 -1.33 -7.43
N ALA A 160 11.41 -1.51 -7.97
CA ALA A 160 12.62 -0.82 -7.49
C ALA A 160 12.50 0.69 -7.53
N THR A 161 12.12 1.26 -8.70
CA THR A 161 12.02 2.71 -8.86
C THR A 161 10.92 3.29 -7.96
N ARG A 162 9.77 2.61 -7.83
CA ARG A 162 8.70 3.07 -6.94
C ARG A 162 9.11 3.06 -5.48
N MET A 163 9.83 2.02 -5.04
CA MET A 163 10.22 1.92 -3.63
C MET A 163 11.39 2.82 -3.28
N GLN A 164 12.17 3.23 -4.28
CA GLN A 164 13.27 4.17 -4.08
C GLN A 164 12.70 5.54 -3.69
N SER A 165 11.48 5.88 -4.16
CA SER A 165 10.83 7.16 -3.80
C SER A 165 10.44 7.16 -2.31
N PHE A 166 10.32 5.97 -1.72
CA PHE A 166 10.03 5.79 -0.30
C PHE A 166 11.32 5.82 0.54
N GLY A 167 12.46 6.03 -0.13
CA GLY A 167 13.77 6.06 0.50
C GLY A 167 14.28 4.68 0.91
N MET A 168 13.77 3.63 0.25
CA MET A 168 14.24 2.28 0.50
C MET A 168 15.54 2.03 -0.25
N LYS A 169 16.45 1.27 0.37
CA LYS A 169 17.70 0.85 -0.23
C LYS A 169 17.33 -0.39 -1.04
N THR A 170 17.47 -0.31 -2.36
CA THR A 170 17.08 -1.42 -3.23
C THR A 170 18.30 -2.19 -3.69
N ILE A 171 18.40 -3.45 -3.24
CA ILE A 171 19.46 -4.37 -3.63
C ILE A 171 18.78 -5.54 -4.34
N GLY A 172 19.53 -6.38 -4.99
CA GLY A 172 18.93 -7.51 -5.68
C GLY A 172 19.88 -8.42 -6.41
N TYR A 173 19.31 -9.36 -7.17
CA TYR A 173 20.07 -10.35 -7.93
C TYR A 173 19.22 -10.88 -9.06
N ASP A 174 19.88 -11.06 -10.19
CA ASP A 174 19.32 -11.67 -11.38
C ASP A 174 20.52 -12.13 -12.22
N PRO A 175 20.63 -13.45 -12.51
CA PRO A 175 21.80 -13.93 -13.29
C PRO A 175 21.77 -13.56 -14.76
N ILE A 176 20.64 -13.03 -15.28
CA ILE A 176 20.52 -12.60 -16.68
C ILE A 176 20.84 -11.12 -16.81
N ILE A 177 20.40 -10.31 -15.83
CA ILE A 177 20.59 -8.86 -15.81
C ILE A 177 21.99 -8.53 -15.28
N SER A 178 22.74 -7.73 -16.05
CA SER A 178 24.10 -7.30 -15.75
C SER A 178 24.12 -6.29 -14.58
N PRO A 179 25.22 -6.17 -13.80
CA PRO A 179 25.24 -5.17 -12.72
C PRO A 179 25.11 -3.72 -13.22
N GLU A 180 25.53 -3.46 -14.48
CA GLU A 180 25.45 -2.13 -15.11
C GLU A 180 24.00 -1.77 -15.44
N VAL A 181 23.21 -2.73 -15.96
CA VAL A 181 21.80 -2.52 -16.29
C VAL A 181 21.01 -2.25 -14.99
N SER A 182 21.22 -3.09 -13.96
CA SER A 182 20.55 -2.90 -12.67
C SER A 182 20.93 -1.58 -12.00
N ALA A 183 22.22 -1.18 -12.12
CA ALA A 183 22.72 0.09 -11.55
C ALA A 183 22.06 1.31 -12.20
N SER A 184 21.58 1.17 -13.46
CA SER A 184 20.91 2.25 -14.17
C SER A 184 19.51 2.54 -13.59
N PHE A 185 18.88 1.55 -12.92
CA PHE A 185 17.59 1.75 -12.24
C PHE A 185 17.73 1.68 -10.70
N GLY A 186 18.94 1.97 -10.21
CA GLY A 186 19.29 2.10 -8.81
C GLY A 186 19.31 0.84 -7.96
N VAL A 187 19.49 -0.34 -8.58
CA VAL A 187 19.52 -1.63 -7.88
C VAL A 187 20.96 -2.13 -7.91
N GLN A 188 21.56 -2.24 -6.72
CA GLN A 188 22.91 -2.74 -6.59
C GLN A 188 22.82 -4.26 -6.50
N GLN A 189 23.42 -4.98 -7.46
CA GLN A 189 23.42 -6.43 -7.43
C GLN A 189 24.52 -6.95 -6.54
N LEU A 190 24.20 -8.01 -5.79
CA LEU A 190 25.12 -8.70 -4.90
C LEU A 190 24.85 -10.21 -5.07
N PRO A 191 25.79 -11.13 -4.77
CA PRO A 191 25.44 -12.55 -4.89
C PRO A 191 24.36 -12.89 -3.87
N LEU A 192 23.46 -13.84 -4.21
CA LEU A 192 22.34 -14.26 -3.36
C LEU A 192 22.66 -14.37 -1.87
N GLU A 193 23.77 -15.06 -1.51
CA GLU A 193 24.17 -15.27 -0.10
C GLU A 193 24.46 -13.97 0.66
N GLU A 194 24.81 -12.88 -0.06
CA GLU A 194 25.08 -11.59 0.57
C GLU A 194 23.79 -10.79 0.77
N ILE A 195 22.74 -11.09 0.00
CA ILE A 195 21.46 -10.40 0.05
C ILE A 195 20.67 -10.68 1.34
N TRP A 196 20.50 -11.97 1.70
CA TRP A 196 19.73 -12.43 2.87
C TRP A 196 20.02 -11.64 4.17
N PRO A 197 21.27 -11.43 4.66
CA PRO A 197 21.43 -10.71 5.94
C PRO A 197 21.20 -9.20 5.89
N LEU A 198 21.12 -8.62 4.70
CA LEU A 198 20.93 -7.17 4.57
C LEU A 198 19.50 -6.70 4.55
N CYS A 199 18.57 -7.58 4.13
CA CYS A 199 17.19 -7.19 3.90
C CYS A 199 16.28 -7.12 5.10
N ASP A 200 15.40 -6.13 5.05
CA ASP A 200 14.29 -5.88 5.95
C ASP A 200 13.06 -6.43 5.21
N PHE A 201 13.07 -6.32 3.87
CA PHE A 201 12.00 -6.79 2.97
C PHE A 201 12.62 -7.57 1.81
N ILE A 202 11.98 -8.66 1.40
CA ILE A 202 12.43 -9.44 0.25
C ILE A 202 11.23 -9.63 -0.66
N THR A 203 11.37 -9.31 -1.95
CA THR A 203 10.29 -9.49 -2.94
C THR A 203 10.85 -10.28 -4.12
N VAL A 204 10.08 -11.26 -4.61
CA VAL A 204 10.52 -12.10 -5.72
C VAL A 204 9.75 -11.81 -7.00
N HIS A 205 10.46 -11.70 -8.13
CA HIS A 205 9.93 -11.39 -9.45
C HIS A 205 10.73 -12.18 -10.47
N THR A 206 10.65 -13.52 -10.36
CA THR A 206 11.39 -14.40 -11.24
C THR A 206 10.41 -15.32 -11.96
N PRO A 207 10.81 -16.01 -13.04
CA PRO A 207 9.93 -17.07 -13.57
C PRO A 207 9.97 -18.24 -12.57
N LEU A 208 9.08 -19.22 -12.71
CA LEU A 208 9.18 -20.40 -11.84
C LEU A 208 9.91 -21.48 -12.60
N LEU A 209 11.10 -21.85 -12.10
CA LEU A 209 12.01 -22.84 -12.72
C LEU A 209 12.66 -23.68 -11.63
N PRO A 210 13.32 -24.84 -11.92
CA PRO A 210 13.98 -25.60 -10.83
C PRO A 210 14.94 -24.73 -10.01
N SER A 211 15.64 -23.78 -10.68
CA SER A 211 16.57 -22.84 -10.05
C SER A 211 15.86 -21.84 -9.09
N THR A 212 14.55 -21.59 -9.30
CA THR A 212 13.79 -20.64 -8.47
C THR A 212 12.77 -21.31 -7.54
N THR A 213 12.57 -22.64 -7.67
CA THR A 213 11.62 -23.38 -6.83
C THR A 213 12.19 -23.50 -5.42
N GLY A 214 11.57 -22.79 -4.49
CA GLY A 214 12.01 -22.79 -3.10
C GLY A 214 13.27 -21.98 -2.91
N LEU A 215 13.36 -20.84 -3.63
CA LEU A 215 14.45 -19.88 -3.57
C LEU A 215 14.54 -19.33 -2.14
N LEU A 216 13.36 -19.11 -1.51
CA LEU A 216 13.25 -18.73 -0.11
C LEU A 216 12.85 -20.03 0.59
N ASN A 217 13.80 -20.64 1.30
CA ASN A 217 13.66 -21.94 1.98
C ASN A 217 14.16 -21.85 3.42
N ASP A 218 14.18 -22.96 4.18
CA ASP A 218 14.63 -22.98 5.57
C ASP A 218 16.04 -22.45 5.76
N ASN A 219 16.97 -22.84 4.86
CA ASN A 219 18.36 -22.40 4.89
C ASN A 219 18.49 -20.90 4.61
N THR A 220 17.86 -20.41 3.52
CA THR A 220 17.90 -18.98 3.16
C THR A 220 17.19 -18.12 4.21
N PHE A 221 16.05 -18.61 4.79
CA PHE A 221 15.35 -17.90 5.87
C PHE A 221 16.23 -17.79 7.12
N ALA A 222 17.10 -18.79 7.40
CA ALA A 222 17.99 -18.72 8.57
C ALA A 222 19.15 -17.72 8.33
N GLN A 223 19.41 -17.40 7.04
CA GLN A 223 20.45 -16.44 6.63
C GLN A 223 19.88 -15.02 6.64
N CYS A 224 18.56 -14.90 6.77
CA CYS A 224 17.85 -13.64 6.79
C CYS A 224 17.96 -12.96 8.14
N LYS A 225 17.74 -11.64 8.15
CA LYS A 225 17.72 -10.82 9.35
C LYS A 225 16.41 -11.17 10.07
N LYS A 226 16.46 -11.34 11.40
CA LYS A 226 15.27 -11.68 12.20
C LYS A 226 14.21 -10.61 12.02
N GLY A 227 13.03 -11.02 11.55
CA GLY A 227 11.91 -10.12 11.30
C GLY A 227 11.76 -9.67 9.86
N VAL A 228 12.41 -10.37 8.91
CA VAL A 228 12.32 -10.08 7.49
C VAL A 228 10.86 -10.16 7.02
N ARG A 229 10.44 -9.23 6.17
CA ARG A 229 9.09 -9.25 5.61
C ARG A 229 9.20 -9.72 4.17
N VAL A 230 8.37 -10.71 3.78
CA VAL A 230 8.49 -11.34 2.47
C VAL A 230 7.30 -11.08 1.57
N VAL A 231 7.55 -10.84 0.27
CA VAL A 231 6.46 -10.63 -0.70
C VAL A 231 6.58 -11.62 -1.84
N ASN A 232 5.46 -12.32 -2.19
CA ASN A 232 5.44 -13.14 -3.38
C ASN A 232 4.21 -12.83 -4.24
N CYS A 233 4.41 -11.95 -5.24
CA CYS A 233 3.42 -11.54 -6.25
C CYS A 233 3.90 -12.04 -7.62
N ALA A 234 4.74 -13.08 -7.63
CA ALA A 234 5.27 -13.63 -8.88
C ALA A 234 4.60 -14.95 -9.20
N ARG A 235 5.09 -16.06 -8.64
CA ARG A 235 4.54 -17.40 -8.88
C ARG A 235 4.63 -18.24 -7.62
N GLY A 236 3.60 -19.05 -7.40
CA GLY A 236 3.55 -19.97 -6.27
C GLY A 236 4.65 -20.98 -6.40
N GLY A 237 5.39 -21.18 -5.30
CA GLY A 237 6.50 -22.11 -5.27
C GLY A 237 7.87 -21.48 -5.12
N ILE A 238 8.00 -20.18 -5.48
CA ILE A 238 9.29 -19.47 -5.37
C ILE A 238 9.68 -19.40 -3.90
N VAL A 239 8.71 -19.10 -3.04
CA VAL A 239 8.92 -19.12 -1.61
C VAL A 239 8.39 -20.49 -1.16
N ASP A 240 9.25 -21.31 -0.54
CA ASP A 240 8.81 -22.61 -0.02
C ASP A 240 7.81 -22.30 1.08
N GLU A 241 6.54 -22.67 0.85
CA GLU A 241 5.43 -22.39 1.76
C GLU A 241 5.56 -23.01 3.15
N GLY A 242 6.20 -24.18 3.23
CA GLY A 242 6.43 -24.87 4.49
C GLY A 242 7.46 -24.13 5.31
N ALA A 243 8.51 -23.63 4.63
CA ALA A 243 9.60 -22.88 5.24
C ALA A 243 9.13 -21.51 5.68
N LEU A 244 8.26 -20.86 4.88
CA LEU A 244 7.69 -19.56 5.21
C LEU A 244 6.87 -19.65 6.49
N LEU A 245 6.04 -20.72 6.62
CA LEU A 245 5.23 -20.91 7.82
C LEU A 245 6.10 -21.09 9.09
N ARG A 246 7.18 -21.88 9.00
CA ARG A 246 8.14 -22.09 10.11
C ARG A 246 8.79 -20.77 10.51
N ALA A 247 9.15 -19.94 9.51
CA ALA A 247 9.75 -18.62 9.69
C ALA A 247 8.75 -17.66 10.39
N LEU A 248 7.46 -17.70 9.98
CA LEU A 248 6.43 -16.86 10.59
C LEU A 248 6.13 -17.31 12.03
N GLN A 249 6.20 -18.62 12.27
CA GLN A 249 5.94 -19.24 13.57
C GLN A 249 7.01 -18.87 14.60
N SER A 250 8.28 -18.85 14.20
CA SER A 250 9.38 -18.51 15.10
C SER A 250 9.55 -17.02 15.27
N GLY A 251 9.13 -16.26 14.25
CA GLY A 251 9.28 -14.81 14.22
C GLY A 251 10.43 -14.41 13.33
N GLN A 252 11.14 -15.39 12.73
CA GLN A 252 12.22 -15.13 11.77
C GLN A 252 11.67 -14.27 10.63
N CYS A 253 10.41 -14.53 10.24
CA CYS A 253 9.69 -13.75 9.26
C CYS A 253 8.61 -13.02 10.04
N ALA A 254 8.60 -11.67 10.03
CA ALA A 254 7.60 -10.89 10.76
C ALA A 254 6.28 -10.75 10.00
N GLY A 255 6.30 -11.06 8.71
CA GLY A 255 5.11 -10.95 7.87
C GLY A 255 5.34 -11.31 6.43
N ALA A 256 4.27 -11.75 5.75
CA ALA A 256 4.37 -12.12 4.34
C ALA A 256 3.16 -11.69 3.56
N ALA A 257 3.38 -11.28 2.32
CA ALA A 257 2.29 -10.86 1.45
C ALA A 257 2.29 -11.80 0.28
N LEU A 258 1.19 -12.52 0.09
CA LEU A 258 1.12 -13.51 -0.96
C LEU A 258 -0.02 -13.30 -1.92
N ASP A 259 0.31 -13.16 -3.21
CA ASP A 259 -0.70 -13.03 -4.25
C ASP A 259 -0.83 -14.37 -4.94
N VAL A 260 0.16 -15.25 -4.73
CA VAL A 260 0.26 -16.53 -5.41
C VAL A 260 0.57 -17.68 -4.47
N PHE A 261 0.15 -18.89 -4.85
CA PHE A 261 0.29 -20.10 -4.05
C PHE A 261 0.68 -21.30 -4.92
N THR A 262 1.35 -22.31 -4.33
CA THR A 262 1.78 -23.53 -5.04
C THR A 262 0.57 -24.26 -5.65
N GLU A 263 -0.56 -24.17 -4.96
CA GLU A 263 -1.86 -24.71 -5.33
C GLU A 263 -2.82 -23.53 -5.28
N GLU A 264 -3.56 -23.28 -6.37
CA GLU A 264 -4.49 -22.16 -6.43
C GLU A 264 -5.95 -22.60 -6.73
N PRO A 265 -6.91 -22.46 -5.79
CA PRO A 265 -6.77 -21.91 -4.42
C PRO A 265 -5.97 -22.81 -3.47
N PRO A 266 -5.27 -22.24 -2.45
CA PRO A 266 -4.51 -23.09 -1.52
C PRO A 266 -5.41 -23.93 -0.61
N ARG A 267 -5.14 -25.24 -0.52
CA ARG A 267 -5.94 -26.12 0.33
C ARG A 267 -5.44 -26.09 1.77
N ASP A 268 -4.13 -25.85 1.95
CA ASP A 268 -3.50 -25.70 3.26
C ASP A 268 -3.70 -24.23 3.62
N ARG A 269 -4.57 -23.96 4.58
CA ARG A 269 -4.95 -22.60 4.96
C ARG A 269 -4.06 -22.00 6.05
N ALA A 270 -3.09 -22.77 6.58
CA ALA A 270 -2.18 -22.31 7.64
C ALA A 270 -1.48 -20.95 7.33
N LEU A 271 -1.03 -20.70 6.08
CA LEU A 271 -0.42 -19.42 5.74
C LEU A 271 -1.45 -18.32 5.65
N VAL A 272 -2.51 -18.54 4.86
CA VAL A 272 -3.61 -17.57 4.71
C VAL A 272 -4.21 -17.16 6.08
N ASP A 273 -4.34 -18.12 7.00
CA ASP A 273 -4.91 -17.88 8.34
C ASP A 273 -3.96 -17.21 9.32
N HIS A 274 -2.65 -17.15 9.02
CA HIS A 274 -1.68 -16.50 9.92
C HIS A 274 -1.97 -15.00 9.99
N GLU A 275 -1.97 -14.42 11.22
CA GLU A 275 -2.28 -12.99 11.46
C GLU A 275 -1.32 -12.04 10.75
N ASN A 276 -0.07 -12.48 10.52
CA ASN A 276 0.99 -11.70 9.87
C ASN A 276 1.05 -11.92 8.35
N VAL A 277 0.07 -12.65 7.79
CA VAL A 277 0.02 -12.91 6.35
C VAL A 277 -1.11 -12.17 5.69
N ILE A 278 -0.79 -11.46 4.64
CA ILE A 278 -1.79 -10.76 3.85
C ILE A 278 -1.84 -11.49 2.52
N SER A 279 -3.03 -11.61 1.95
CA SER A 279 -3.15 -12.37 0.72
C SER A 279 -4.16 -11.79 -0.25
N CYS A 280 -4.08 -12.21 -1.51
CA CYS A 280 -4.99 -11.87 -2.59
C CYS A 280 -5.19 -13.12 -3.44
N PRO A 281 -6.39 -13.33 -4.00
CA PRO A 281 -6.58 -14.49 -4.89
C PRO A 281 -5.97 -14.26 -6.29
N HIS A 282 -4.62 -14.17 -6.39
CA HIS A 282 -3.88 -13.95 -7.64
C HIS A 282 -4.46 -12.79 -8.46
N LEU A 283 -4.36 -11.57 -7.90
CA LEU A 283 -4.89 -10.34 -8.48
C LEU A 283 -3.84 -9.47 -9.19
N GLY A 284 -2.61 -9.95 -9.27
CA GLY A 284 -1.50 -9.26 -9.92
C GLY A 284 -1.80 -8.68 -11.29
N ALA A 285 -2.61 -9.38 -12.10
CA ALA A 285 -2.98 -8.94 -13.44
C ALA A 285 -4.44 -8.44 -13.53
N SER A 286 -5.14 -8.33 -12.37
CA SER A 286 -6.55 -7.97 -12.29
C SER A 286 -6.85 -6.46 -12.28
N THR A 287 -6.57 -5.81 -13.41
CA THR A 287 -6.90 -4.41 -13.70
C THR A 287 -7.33 -4.36 -15.17
N LYS A 288 -8.26 -3.44 -15.54
CA LYS A 288 -8.69 -3.30 -16.93
C LYS A 288 -7.56 -2.78 -17.82
N GLU A 289 -6.64 -1.99 -17.23
CA GLU A 289 -5.48 -1.42 -17.91
C GLU A 289 -4.50 -2.51 -18.35
N ALA A 290 -4.26 -3.53 -17.49
CA ALA A 290 -3.37 -4.65 -17.81
C ALA A 290 -3.99 -5.48 -18.91
N GLN A 291 -5.32 -5.73 -18.83
CA GLN A 291 -6.08 -6.48 -19.82
C GLN A 291 -6.00 -5.86 -21.21
N SER A 292 -6.19 -4.52 -21.30
CA SER A 292 -6.13 -3.79 -22.57
C SER A 292 -4.72 -3.85 -23.15
N ARG A 293 -3.68 -3.65 -22.31
CA ARG A 293 -2.28 -3.70 -22.71
C ARG A 293 -1.86 -5.05 -23.24
N CYS A 294 -2.34 -6.14 -22.59
CA CYS A 294 -2.10 -7.53 -23.00
C CYS A 294 -2.76 -7.77 -24.38
N GLY A 295 -3.96 -7.18 -24.56
CA GLY A 295 -4.71 -7.25 -25.81
C GLY A 295 -3.93 -6.65 -26.97
N GLU A 296 -3.25 -5.52 -26.71
CA GLU A 296 -2.40 -4.79 -27.65
C GLU A 296 -1.13 -5.60 -27.97
N GLU A 297 -0.39 -6.01 -26.93
CA GLU A 297 0.87 -6.75 -27.04
C GLU A 297 0.76 -8.05 -27.86
N ILE A 298 -0.34 -8.83 -27.68
CA ILE A 298 -0.56 -10.09 -28.39
C ILE A 298 -0.83 -9.84 -29.89
N ALA A 299 -1.53 -8.74 -30.22
CA ALA A 299 -1.83 -8.35 -31.61
C ALA A 299 -0.53 -8.00 -32.33
N VAL A 300 0.38 -7.27 -31.65
CA VAL A 300 1.71 -6.86 -32.11
C VAL A 300 2.56 -8.09 -32.43
N GLN A 301 2.54 -9.12 -31.54
CA GLN A 301 3.26 -10.38 -31.69
C GLN A 301 2.81 -11.19 -32.92
N PHE A 302 1.49 -11.23 -33.17
CA PHE A 302 0.87 -11.92 -34.30
C PHE A 302 1.24 -11.26 -35.63
N VAL A 303 1.39 -9.91 -35.62
CA VAL A 303 1.79 -9.06 -36.75
C VAL A 303 3.30 -9.28 -37.04
N ASP A 304 4.09 -9.65 -36.01
CA ASP A 304 5.52 -9.94 -36.14
C ASP A 304 5.77 -11.33 -36.76
N MET A 305 4.83 -11.83 -37.61
CA MET A 305 4.93 -13.13 -38.29
C MET A 305 6.00 -13.14 -39.39
N VAL A 306 6.34 -11.94 -39.93
CA VAL A 306 7.34 -11.74 -40.98
C VAL A 306 8.62 -11.11 -40.43
N LEU B 5 12.59 22.61 34.17
CA LEU B 5 13.75 23.29 34.72
C LEU B 5 14.79 22.30 35.26
N ARG B 6 14.35 21.32 36.09
CA ARG B 6 15.26 20.32 36.68
C ARG B 6 14.69 18.89 36.70
N LYS B 7 13.35 18.75 36.88
CA LYS B 7 12.70 17.43 36.91
C LYS B 7 11.56 17.32 35.90
N VAL B 8 11.63 16.27 35.06
CA VAL B 8 10.63 15.98 34.02
C VAL B 8 9.99 14.61 34.25
N LEU B 9 8.65 14.55 34.12
CA LEU B 9 7.89 13.31 34.24
C LEU B 9 7.40 12.89 32.85
N ILE B 10 7.57 11.61 32.51
CA ILE B 10 7.04 11.02 31.28
C ILE B 10 5.92 10.10 31.75
N SER B 11 4.67 10.44 31.40
CA SER B 11 3.46 9.76 31.85
C SER B 11 2.83 8.78 30.85
N ASP B 12 3.47 8.58 29.69
CA ASP B 12 3.01 7.65 28.67
C ASP B 12 4.17 6.81 28.15
N SER B 13 3.87 5.71 27.43
CA SER B 13 4.90 4.84 26.89
C SER B 13 5.61 5.50 25.71
N LEU B 14 6.79 6.04 25.98
CA LEU B 14 7.62 6.74 25.02
C LEU B 14 8.88 5.95 24.72
N ASP B 15 9.51 6.23 23.57
CA ASP B 15 10.76 5.61 23.15
C ASP B 15 11.85 5.94 24.19
N PRO B 16 12.75 5.00 24.56
CA PRO B 16 13.78 5.30 25.59
C PRO B 16 14.72 6.47 25.29
N CYS B 17 14.84 6.92 24.00
CA CYS B 17 15.70 8.04 23.63
C CYS B 17 15.34 9.33 24.38
N CYS B 18 14.02 9.56 24.60
CA CYS B 18 13.48 10.72 25.30
C CYS B 18 14.17 10.93 26.66
N ARG B 19 14.15 9.91 27.54
CA ARG B 19 14.79 9.93 28.86
C ARG B 19 16.30 10.21 28.74
N LYS B 20 16.98 9.52 27.79
CA LYS B 20 18.42 9.63 27.51
C LYS B 20 18.84 11.07 27.16
N ILE B 21 18.14 11.72 26.22
CA ILE B 21 18.46 13.08 25.79
C ILE B 21 18.25 14.09 26.94
N LEU B 22 17.14 13.95 27.72
CA LEU B 22 16.85 14.85 28.85
C LEU B 22 17.94 14.73 29.93
N GLN B 23 18.37 13.49 30.26
CA GLN B 23 19.43 13.20 31.21
C GLN B 23 20.79 13.73 30.73
N ASP B 24 21.02 13.69 29.40
CA ASP B 24 22.23 14.23 28.76
C ASP B 24 22.27 15.76 28.91
N GLY B 25 21.07 16.37 28.93
CA GLY B 25 20.89 17.80 29.11
C GLY B 25 21.05 18.25 30.56
N GLY B 26 21.04 17.28 31.49
CA GLY B 26 21.21 17.51 32.91
C GLY B 26 19.93 17.41 33.74
N LEU B 27 18.82 16.97 33.12
CA LEU B 27 17.53 16.86 33.79
C LEU B 27 17.32 15.51 34.48
N GLN B 28 16.50 15.51 35.55
CA GLN B 28 16.09 14.31 36.28
C GLN B 28 14.81 13.81 35.59
N VAL B 29 14.69 12.49 35.39
CA VAL B 29 13.55 11.90 34.68
C VAL B 29 12.83 10.79 35.45
N VAL B 30 11.49 10.85 35.50
CA VAL B 30 10.64 9.83 36.09
C VAL B 30 9.77 9.28 34.94
N GLU B 31 9.85 7.96 34.70
CA GLU B 31 9.09 7.27 33.66
C GLU B 31 8.00 6.40 34.27
N LYS B 32 6.74 6.84 34.11
CA LYS B 32 5.55 6.14 34.60
C LYS B 32 4.52 6.02 33.48
N GLN B 33 3.51 5.14 33.63
CA GLN B 33 2.46 4.96 32.63
C GLN B 33 1.15 4.52 33.25
N ASN B 34 0.01 4.76 32.54
CA ASN B 34 -1.35 4.42 32.94
C ASN B 34 -1.72 4.96 34.35
N LEU B 35 -1.26 6.18 34.66
CA LEU B 35 -1.53 6.83 35.94
C LEU B 35 -2.90 7.50 35.90
N SER B 36 -3.65 7.41 37.01
CA SER B 36 -4.94 8.09 37.14
C SER B 36 -4.70 9.52 37.64
N LYS B 37 -5.76 10.35 37.66
CA LYS B 37 -5.74 11.75 38.10
C LYS B 37 -4.83 12.04 39.29
N GLU B 38 -5.11 11.45 40.48
CA GLU B 38 -4.34 11.66 41.71
C GLU B 38 -2.89 11.13 41.65
N GLU B 39 -2.67 10.01 40.94
CA GLU B 39 -1.35 9.40 40.76
C GLU B 39 -0.41 10.36 40.02
N LEU B 40 -0.92 10.95 38.92
CA LEU B 40 -0.23 11.92 38.06
C LEU B 40 0.10 13.21 38.84
N ILE B 41 -0.91 13.77 39.55
CA ILE B 41 -0.80 14.98 40.36
C ILE B 41 0.32 14.86 41.40
N ALA B 42 0.39 13.72 42.12
CA ALA B 42 1.40 13.40 43.15
C ALA B 42 2.82 13.37 42.58
N GLU B 43 3.02 12.72 41.41
CA GLU B 43 4.31 12.63 40.73
C GLU B 43 4.78 14.01 40.26
N LEU B 44 3.83 14.84 39.78
CA LEU B 44 4.07 16.20 39.26
C LEU B 44 4.43 17.24 40.32
N GLN B 45 4.15 16.96 41.61
CA GLN B 45 4.41 17.87 42.74
C GLN B 45 5.84 18.44 42.79
N ASP B 46 6.84 17.69 42.28
CA ASP B 46 8.24 18.13 42.24
C ASP B 46 8.79 18.22 40.79
N CYS B 47 7.90 18.15 39.77
CA CYS B 47 8.25 18.23 38.35
C CYS B 47 7.89 19.60 37.76
N GLU B 48 8.81 20.15 36.93
CA GLU B 48 8.61 21.43 36.21
C GLU B 48 8.25 21.14 34.73
N GLY B 49 8.26 19.86 34.37
CA GLY B 49 7.95 19.40 33.03
C GLY B 49 7.20 18.08 33.00
N LEU B 50 6.28 17.95 32.03
CA LEU B 50 5.47 16.75 31.83
C LEU B 50 5.45 16.40 30.34
N ILE B 51 5.83 15.15 30.00
CA ILE B 51 5.81 14.67 28.63
C ILE B 51 4.75 13.58 28.48
N VAL B 52 3.83 13.78 27.54
CA VAL B 52 2.70 12.90 27.26
C VAL B 52 2.68 12.44 25.79
N ARG B 53 1.89 11.40 25.51
CA ARG B 53 1.60 10.90 24.17
C ARG B 53 0.14 11.35 23.97
N SER B 54 -0.84 10.44 23.96
CA SER B 54 -2.24 10.83 23.83
C SER B 54 -3.10 10.33 24.97
N ALA B 55 -2.64 9.25 25.64
CA ALA B 55 -3.36 8.62 26.76
C ALA B 55 -3.51 9.52 27.98
N THR B 56 -2.42 10.21 28.41
CA THR B 56 -2.50 11.10 29.58
C THR B 56 -3.31 12.35 29.25
N LYS B 57 -4.31 12.64 30.10
CA LYS B 57 -5.19 13.77 29.94
C LYS B 57 -4.78 14.91 30.88
N VAL B 58 -4.11 15.92 30.30
CA VAL B 58 -3.63 17.11 31.02
C VAL B 58 -4.84 18.06 31.13
N THR B 59 -5.74 17.75 32.07
CA THR B 59 -6.97 18.50 32.33
C THR B 59 -6.68 19.77 33.13
N ALA B 60 -7.72 20.62 33.31
CA ALA B 60 -7.64 21.85 34.10
C ALA B 60 -7.20 21.52 35.53
N ASP B 61 -7.76 20.44 36.12
CA ASP B 61 -7.44 19.96 37.46
C ASP B 61 -5.97 19.56 37.61
N VAL B 62 -5.40 18.89 36.58
CA VAL B 62 -3.99 18.46 36.57
C VAL B 62 -3.07 19.69 36.58
N ILE B 63 -3.30 20.62 35.62
CA ILE B 63 -2.56 21.87 35.42
C ILE B 63 -2.53 22.72 36.71
N ASN B 64 -3.70 22.93 37.34
CA ASN B 64 -3.86 23.71 38.57
C ASN B 64 -3.13 23.11 39.78
N ALA B 65 -3.15 21.76 39.90
CA ALA B 65 -2.51 21.02 40.99
C ALA B 65 -0.98 20.99 40.89
N ALA B 66 -0.43 20.91 39.66
CA ALA B 66 1.02 20.89 39.43
C ALA B 66 1.52 22.34 39.45
N GLU B 67 1.91 22.81 40.65
CA GLU B 67 2.35 24.18 40.94
C GLU B 67 3.72 24.54 40.34
N LYS B 68 4.66 23.58 40.28
CA LYS B 68 6.00 23.77 39.72
C LYS B 68 6.02 23.65 38.19
N LEU B 69 4.95 23.07 37.58
CA LEU B 69 4.82 22.83 36.14
C LEU B 69 5.04 24.08 35.30
N GLN B 70 6.02 24.01 34.38
CA GLN B 70 6.40 25.11 33.49
C GLN B 70 6.19 24.73 32.04
N VAL B 71 6.35 23.44 31.70
CA VAL B 71 6.26 22.99 30.32
C VAL B 71 5.52 21.64 30.18
N VAL B 72 4.66 21.54 29.17
CA VAL B 72 3.92 20.32 28.82
C VAL B 72 4.31 19.96 27.40
N GLY B 73 4.96 18.81 27.27
CA GLY B 73 5.43 18.30 26.00
C GLY B 73 4.58 17.16 25.51
N ARG B 74 4.29 17.17 24.21
CA ARG B 74 3.50 16.14 23.56
C ARG B 74 4.38 15.47 22.52
N ALA B 75 4.70 14.18 22.74
CA ALA B 75 5.53 13.42 21.80
C ALA B 75 4.65 12.99 20.61
N GLY B 76 4.36 13.95 19.73
CA GLY B 76 3.56 13.76 18.52
C GLY B 76 2.88 15.02 18.02
N THR B 77 1.76 14.84 17.29
CA THR B 77 0.90 15.91 16.73
C THR B 77 -0.44 15.86 17.48
N GLY B 78 -1.15 16.97 17.50
CA GLY B 78 -2.47 17.03 18.13
C GLY B 78 -2.42 17.04 19.63
N VAL B 79 -2.62 18.23 20.20
CA VAL B 79 -2.58 18.51 21.64
C VAL B 79 -3.98 18.48 22.28
N ASP B 80 -4.89 17.66 21.72
CA ASP B 80 -6.28 17.47 22.16
C ASP B 80 -6.37 16.94 23.60
N ASN B 81 -5.37 16.16 24.04
CA ASN B 81 -5.31 15.61 25.40
C ASN B 81 -4.76 16.62 26.42
N VAL B 82 -4.44 17.84 25.97
CA VAL B 82 -3.91 18.93 26.80
C VAL B 82 -4.91 20.11 26.79
N ASP B 83 -5.27 20.63 27.98
CA ASP B 83 -6.16 21.77 28.10
C ASP B 83 -5.31 23.03 27.88
N LEU B 84 -5.28 23.51 26.62
CA LEU B 84 -4.50 24.68 26.19
C LEU B 84 -4.93 25.96 26.91
N GLU B 85 -6.26 26.14 27.12
CA GLU B 85 -6.83 27.30 27.80
C GLU B 85 -6.36 27.36 29.26
N ALA B 86 -6.37 26.22 29.96
CA ALA B 86 -5.92 26.10 31.35
C ALA B 86 -4.40 26.25 31.46
N ALA B 87 -3.66 25.78 30.43
CA ALA B 87 -2.20 25.88 30.38
C ALA B 87 -1.78 27.34 30.19
N THR B 88 -2.41 28.07 29.23
CA THR B 88 -2.16 29.49 28.95
C THR B 88 -2.46 30.32 30.20
N ARG B 89 -3.57 29.98 30.90
CA ARG B 89 -4.02 30.62 32.14
C ARG B 89 -3.01 30.47 33.28
N LYS B 90 -2.22 29.38 33.29
CA LYS B 90 -1.23 29.11 34.33
C LYS B 90 0.22 29.44 33.93
N GLY B 91 0.41 29.98 32.72
CA GLY B 91 1.71 30.35 32.19
C GLY B 91 2.58 29.17 31.82
N ILE B 92 1.94 28.02 31.53
CA ILE B 92 2.61 26.78 31.17
C ILE B 92 2.76 26.73 29.65
N LEU B 93 4.00 26.51 29.20
CA LEU B 93 4.33 26.39 27.79
C LEU B 93 3.92 24.99 27.31
N VAL B 94 3.28 24.93 26.13
CA VAL B 94 2.82 23.68 25.52
C VAL B 94 3.62 23.44 24.25
N MET B 95 4.32 22.32 24.20
CA MET B 95 5.16 21.91 23.08
C MET B 95 4.67 20.60 22.48
N ASN B 96 4.89 20.45 21.17
CA ASN B 96 4.59 19.22 20.43
C ASN B 96 5.66 19.01 19.34
N THR B 97 5.57 17.90 18.58
CA THR B 97 6.55 17.53 17.55
C THR B 97 5.83 17.19 16.22
N PRO B 98 5.28 18.20 15.50
CA PRO B 98 4.55 17.91 14.25
C PRO B 98 5.39 17.19 13.19
N ASN B 99 6.65 17.61 13.03
CA ASN B 99 7.64 17.07 12.09
C ASN B 99 7.93 15.58 12.26
N GLY B 100 8.02 15.10 13.50
CA GLY B 100 8.34 13.72 13.86
C GLY B 100 7.51 12.61 13.23
N ASN B 101 6.24 12.90 12.91
CA ASN B 101 5.27 11.95 12.34
C ASN B 101 5.08 12.04 10.82
N SER B 102 5.70 13.03 10.18
CA SER B 102 5.53 13.35 8.76
C SER B 102 5.69 12.17 7.81
N LEU B 103 6.82 11.45 7.86
CA LEU B 103 7.07 10.30 6.98
C LEU B 103 6.10 9.17 7.18
N SER B 104 5.80 8.85 8.46
CA SER B 104 4.84 7.80 8.84
C SER B 104 3.43 8.04 8.34
N ALA B 105 2.93 9.30 8.46
CA ALA B 105 1.60 9.66 7.98
C ALA B 105 1.57 9.58 6.44
N ALA B 106 2.67 10.02 5.78
CA ALA B 106 2.80 10.02 4.32
C ALA B 106 2.81 8.60 3.79
N GLU B 107 3.56 7.69 4.46
CA GLU B 107 3.64 6.28 4.06
C GLU B 107 2.31 5.57 4.18
N LEU B 108 1.59 5.80 5.32
CA LEU B 108 0.25 5.24 5.52
C LEU B 108 -0.70 5.73 4.43
N THR B 109 -0.65 7.03 4.08
CA THR B 109 -1.48 7.62 3.03
C THR B 109 -1.26 6.89 1.70
N CYS B 110 0.01 6.69 1.31
CA CYS B 110 0.37 5.94 0.10
C CYS B 110 -0.11 4.50 0.19
N GLY B 111 0.02 3.90 1.38
CA GLY B 111 -0.47 2.56 1.67
C GLY B 111 -1.96 2.45 1.40
N MET B 112 -2.73 3.45 1.91
CA MET B 112 -4.18 3.54 1.74
C MET B 112 -4.57 3.68 0.26
N ILE B 113 -3.86 4.55 -0.49
CA ILE B 113 -4.12 4.75 -1.94
C ILE B 113 -4.01 3.41 -2.68
N MET B 114 -2.92 2.69 -2.43
CA MET B 114 -2.67 1.38 -3.02
C MET B 114 -3.73 0.37 -2.62
N CYS B 115 -4.13 0.39 -1.33
CA CYS B 115 -5.17 -0.48 -0.78
C CYS B 115 -6.51 -0.26 -1.46
N LEU B 116 -6.88 1.02 -1.73
CA LEU B 116 -8.12 1.34 -2.42
C LEU B 116 -8.07 0.90 -3.88
N ALA B 117 -6.93 1.15 -4.57
CA ALA B 117 -6.72 0.78 -5.96
C ALA B 117 -6.86 -0.71 -6.21
N ARG B 118 -6.36 -1.55 -5.29
CA ARG B 118 -6.36 -3.00 -5.51
C ARG B 118 -7.19 -3.80 -4.54
N GLN B 119 -8.03 -3.12 -3.72
CA GLN B 119 -8.94 -3.75 -2.76
C GLN B 119 -8.21 -4.81 -1.87
N ILE B 120 -6.95 -4.52 -1.48
CA ILE B 120 -6.10 -5.41 -0.69
C ILE B 120 -6.79 -5.82 0.65
N PRO B 121 -7.31 -4.88 1.51
CA PRO B 121 -8.01 -5.33 2.73
C PRO B 121 -9.17 -6.30 2.47
N GLN B 122 -10.03 -5.98 1.49
CA GLN B 122 -11.16 -6.81 1.05
C GLN B 122 -10.71 -8.17 0.54
N ALA B 123 -9.60 -8.22 -0.26
CA ALA B 123 -9.04 -9.46 -0.79
C ALA B 123 -8.51 -10.35 0.32
N THR B 124 -7.75 -9.78 1.29
CA THR B 124 -7.24 -10.50 2.46
C THR B 124 -8.42 -11.06 3.27
N ALA B 125 -9.49 -10.24 3.49
CA ALA B 125 -10.68 -10.66 4.25
C ALA B 125 -11.38 -11.81 3.54
N SER B 126 -11.47 -11.75 2.21
CA SER B 126 -12.08 -12.76 1.35
C SER B 126 -11.30 -14.08 1.51
N MET B 127 -9.95 -14.00 1.38
CA MET B 127 -9.03 -15.13 1.54
C MET B 127 -9.13 -15.72 2.95
N LYS B 128 -9.09 -14.88 4.01
CA LYS B 128 -9.19 -15.35 5.39
C LYS B 128 -10.55 -15.99 5.71
N ASP B 129 -11.56 -15.71 4.88
CA ASP B 129 -12.89 -16.30 5.01
C ASP B 129 -12.96 -17.60 4.17
N GLY B 130 -11.79 -18.10 3.75
CA GLY B 130 -11.64 -19.33 2.97
C GLY B 130 -12.15 -19.29 1.56
N LYS B 131 -12.32 -18.07 1.01
CA LYS B 131 -12.84 -17.87 -0.34
C LYS B 131 -11.75 -17.55 -1.35
N TRP B 132 -12.02 -17.88 -2.62
CA TRP B 132 -11.17 -17.59 -3.76
C TRP B 132 -12.10 -17.06 -4.83
N GLU B 133 -12.43 -15.76 -4.72
CA GLU B 133 -13.37 -15.14 -5.65
C GLU B 133 -12.71 -14.08 -6.51
N ARG B 134 -11.77 -14.52 -7.38
CA ARG B 134 -11.00 -13.69 -8.31
C ARG B 134 -11.90 -12.79 -9.15
N LYS B 135 -12.98 -13.38 -9.69
CA LYS B 135 -13.95 -12.74 -10.58
C LYS B 135 -14.71 -11.59 -9.91
N LYS B 136 -14.77 -11.59 -8.56
CA LYS B 136 -15.43 -10.54 -7.79
C LYS B 136 -14.54 -9.31 -7.64
N PHE B 137 -13.23 -9.47 -7.86
CA PHE B 137 -12.28 -8.38 -7.73
C PHE B 137 -11.81 -7.84 -9.08
N MET B 138 -11.67 -6.50 -9.14
CA MET B 138 -11.18 -5.78 -10.30
C MET B 138 -10.59 -4.49 -9.79
N GLY B 139 -9.27 -4.39 -9.85
CA GLY B 139 -8.55 -3.23 -9.37
C GLY B 139 -8.28 -2.22 -10.45
N THR B 140 -7.65 -1.09 -10.07
CA THR B 140 -7.27 -0.06 -11.03
C THR B 140 -5.78 0.21 -10.94
N GLU B 141 -5.18 0.52 -12.09
CA GLU B 141 -3.77 0.87 -12.15
C GLU B 141 -3.63 2.33 -11.74
N LEU B 142 -2.63 2.65 -10.89
CA LEU B 142 -2.36 4.02 -10.45
C LEU B 142 -1.70 4.82 -11.55
N ASN B 143 -0.87 4.15 -12.37
CA ASN B 143 -0.16 4.80 -13.47
C ASN B 143 -1.10 5.56 -14.38
N GLY B 144 -0.79 6.82 -14.60
CA GLY B 144 -1.59 7.71 -15.44
C GLY B 144 -2.80 8.33 -14.77
N LYS B 145 -3.07 8.00 -13.50
CA LYS B 145 -4.22 8.56 -12.78
C LYS B 145 -3.90 9.87 -12.09
N THR B 146 -4.92 10.69 -11.80
CA THR B 146 -4.73 11.97 -11.13
C THR B 146 -5.00 11.88 -9.64
N LEU B 147 -4.00 12.27 -8.84
CA LEU B 147 -4.09 12.37 -7.40
C LEU B 147 -4.17 13.86 -7.05
N GLY B 148 -5.23 14.21 -6.33
CA GLY B 148 -5.48 15.54 -5.81
C GLY B 148 -5.00 15.62 -4.39
N ILE B 149 -4.10 16.58 -4.09
CA ILE B 149 -3.52 16.73 -2.76
C ILE B 149 -3.92 18.08 -2.17
N LEU B 150 -4.82 18.02 -1.20
CA LEU B 150 -5.35 19.21 -0.55
C LEU B 150 -4.58 19.40 0.75
N GLY B 151 -3.65 20.33 0.71
CA GLY B 151 -2.74 20.61 1.81
C GLY B 151 -1.36 20.22 1.37
N LEU B 152 -0.48 21.21 1.18
CA LEU B 152 0.85 20.96 0.67
C LEU B 152 1.96 21.30 1.68
N GLY B 153 1.74 20.89 2.93
CA GLY B 153 2.74 20.96 4.00
C GLY B 153 3.71 19.81 3.76
N ARG B 154 4.52 19.44 4.76
CA ARG B 154 5.51 18.38 4.54
C ARG B 154 4.84 17.01 4.22
N ILE B 155 3.70 16.68 4.87
CA ILE B 155 3.01 15.42 4.63
C ILE B 155 2.51 15.33 3.19
N GLY B 156 1.79 16.37 2.75
CA GLY B 156 1.28 16.46 1.38
C GLY B 156 2.38 16.34 0.35
N ARG B 157 3.54 16.99 0.59
CA ARG B 157 4.70 16.98 -0.28
C ARG B 157 5.32 15.58 -0.42
N GLU B 158 5.57 14.90 0.73
CA GLU B 158 6.11 13.53 0.75
C GLU B 158 5.21 12.53 0.02
N VAL B 159 3.88 12.64 0.20
CA VAL B 159 2.87 11.80 -0.48
C VAL B 159 3.02 11.97 -1.99
N ALA B 160 3.09 13.24 -2.45
CA ALA B 160 3.21 13.61 -3.85
C ALA B 160 4.42 12.99 -4.52
N THR B 161 5.60 13.13 -3.91
CA THR B 161 6.85 12.62 -4.51
C THR B 161 6.83 11.11 -4.61
N ARG B 162 6.16 10.43 -3.67
CA ARG B 162 6.08 8.95 -3.72
C ARG B 162 5.10 8.47 -4.77
N MET B 163 3.97 9.16 -4.90
CA MET B 163 2.94 8.81 -5.87
C MET B 163 3.33 9.22 -7.30
N GLN B 164 4.25 10.18 -7.44
CA GLN B 164 4.78 10.60 -8.75
C GLN B 164 5.58 9.45 -9.35
N SER B 165 6.30 8.68 -8.51
CA SER B 165 7.08 7.51 -8.96
C SER B 165 6.17 6.39 -9.52
N PHE B 166 4.88 6.44 -9.20
CA PHE B 166 3.90 5.48 -9.71
C PHE B 166 3.31 5.95 -11.06
N GLY B 167 3.72 7.14 -11.49
CA GLY B 167 3.21 7.73 -12.73
C GLY B 167 1.89 8.43 -12.50
N MET B 168 1.62 8.84 -11.24
CA MET B 168 0.38 9.57 -10.97
C MET B 168 0.59 11.05 -11.24
N LYS B 169 -0.41 11.70 -11.84
CA LYS B 169 -0.41 13.14 -12.10
C LYS B 169 -0.75 13.78 -10.74
N THR B 170 0.19 14.49 -10.13
CA THR B 170 -0.09 15.09 -8.83
C THR B 170 -0.48 16.54 -8.95
N ILE B 171 -1.74 16.82 -8.66
CA ILE B 171 -2.30 18.16 -8.66
C ILE B 171 -2.77 18.44 -7.24
N GLY B 172 -3.06 19.68 -6.95
CA GLY B 172 -3.50 20.01 -5.61
C GLY B 172 -3.68 21.49 -5.34
N TYR B 173 -3.86 21.80 -4.05
CA TYR B 173 -4.07 23.15 -3.58
C TYR B 173 -3.66 23.31 -2.13
N ASP B 174 -3.07 24.47 -1.85
CA ASP B 174 -2.71 24.96 -0.52
C ASP B 174 -2.66 26.48 -0.62
N PRO B 175 -3.41 27.22 0.22
CA PRO B 175 -3.40 28.69 0.12
C PRO B 175 -2.10 29.36 0.58
N ILE B 176 -1.24 28.61 1.31
CA ILE B 176 0.02 29.13 1.83
C ILE B 176 1.18 28.88 0.84
N ILE B 177 1.22 27.68 0.24
CA ILE B 177 2.24 27.27 -0.70
C ILE B 177 1.92 27.81 -2.08
N SER B 178 2.86 28.58 -2.65
CA SER B 178 2.70 29.21 -3.96
C SER B 178 2.77 28.17 -5.09
N PRO B 179 2.13 28.43 -6.25
CA PRO B 179 2.24 27.49 -7.40
C PRO B 179 3.68 27.19 -7.84
N GLU B 180 4.62 28.17 -7.74
CA GLU B 180 6.04 27.99 -8.09
C GLU B 180 6.71 26.97 -7.18
N VAL B 181 6.49 27.07 -5.86
CA VAL B 181 7.08 26.19 -4.85
C VAL B 181 6.49 24.75 -4.99
N SER B 182 5.17 24.62 -5.23
CA SER B 182 4.61 23.28 -5.39
C SER B 182 5.13 22.62 -6.67
N ALA B 183 5.33 23.41 -7.75
CA ALA B 183 5.88 22.94 -9.02
C ALA B 183 7.25 22.28 -8.82
N SER B 184 8.07 22.84 -7.90
CA SER B 184 9.40 22.33 -7.57
C SER B 184 9.34 20.93 -6.92
N PHE B 185 8.19 20.54 -6.32
CA PHE B 185 8.04 19.19 -5.79
C PHE B 185 6.98 18.39 -6.60
N GLY B 186 6.77 18.83 -7.84
CA GLY B 186 5.90 18.19 -8.83
C GLY B 186 4.41 18.29 -8.65
N VAL B 187 3.93 19.24 -7.82
CA VAL B 187 2.48 19.39 -7.59
C VAL B 187 1.94 20.62 -8.34
N GLN B 188 1.05 20.37 -9.30
CA GLN B 188 0.47 21.46 -10.07
C GLN B 188 -0.70 22.05 -9.28
N GLN B 189 -0.58 23.30 -8.85
CA GLN B 189 -1.65 23.96 -8.14
C GLN B 189 -2.65 24.58 -9.06
N LEU B 190 -3.92 24.37 -8.75
CA LEU B 190 -5.03 24.90 -9.51
C LEU B 190 -6.07 25.39 -8.50
N PRO B 191 -7.02 26.28 -8.84
CA PRO B 191 -8.04 26.66 -7.84
C PRO B 191 -8.89 25.43 -7.53
N LEU B 192 -9.32 25.28 -6.25
CA LEU B 192 -10.12 24.14 -5.76
C LEU B 192 -11.17 23.63 -6.72
N GLU B 193 -11.96 24.54 -7.31
CA GLU B 193 -13.05 24.18 -8.23
C GLU B 193 -12.55 23.45 -9.49
N GLU B 194 -11.28 23.66 -9.88
CA GLU B 194 -10.69 22.99 -11.03
C GLU B 194 -10.16 21.62 -10.66
N ILE B 195 -9.75 21.44 -9.39
CA ILE B 195 -9.21 20.17 -8.88
C ILE B 195 -10.25 19.04 -8.88
N TRP B 196 -11.44 19.27 -8.26
CA TRP B 196 -12.51 18.27 -8.09
C TRP B 196 -12.83 17.44 -9.35
N PRO B 197 -13.15 18.00 -10.54
CA PRO B 197 -13.51 17.12 -11.68
C PRO B 197 -12.37 16.33 -12.30
N LEU B 198 -11.11 16.64 -11.94
CA LEU B 198 -9.95 15.98 -12.54
C LEU B 198 -9.42 14.76 -11.77
N CYS B 199 -9.68 14.68 -10.46
CA CYS B 199 -9.10 13.64 -9.61
C CYS B 199 -9.75 12.29 -9.72
N ASP B 200 -8.90 11.25 -9.68
CA ASP B 200 -9.27 9.85 -9.61
C ASP B 200 -9.18 9.50 -8.13
N PHE B 201 -8.23 10.16 -7.44
CA PHE B 201 -7.96 10.00 -6.02
C PHE B 201 -7.79 11.38 -5.38
N ILE B 202 -8.33 11.58 -4.17
CA ILE B 202 -8.17 12.82 -3.40
C ILE B 202 -7.62 12.48 -2.02
N THR B 203 -6.58 13.18 -1.59
CA THR B 203 -6.03 12.96 -0.25
C THR B 203 -5.91 14.31 0.44
N VAL B 204 -6.33 14.35 1.70
CA VAL B 204 -6.34 15.57 2.47
C VAL B 204 -5.25 15.56 3.52
N HIS B 205 -4.48 16.66 3.57
CA HIS B 205 -3.35 16.85 4.48
C HIS B 205 -3.31 18.32 4.91
N THR B 206 -4.36 18.75 5.60
CA THR B 206 -4.48 20.12 6.07
C THR B 206 -4.67 20.09 7.59
N PRO B 207 -4.43 21.20 8.31
CA PRO B 207 -4.81 21.22 9.73
C PRO B 207 -6.35 21.29 9.83
N LEU B 208 -6.93 21.01 11.01
CA LEU B 208 -8.38 21.10 11.18
C LEU B 208 -8.75 22.51 11.64
N LEU B 209 -9.35 23.27 10.73
CA LEU B 209 -9.74 24.67 10.91
C LEU B 209 -11.20 24.88 10.47
N PRO B 210 -11.88 26.04 10.77
CA PRO B 210 -13.26 26.22 10.26
C PRO B 210 -13.31 26.13 8.73
N SER B 211 -12.29 26.69 8.07
CA SER B 211 -12.10 26.71 6.61
C SER B 211 -11.89 25.30 6.01
N THR B 212 -11.41 24.34 6.83
CA THR B 212 -11.14 22.97 6.35
C THR B 212 -12.15 21.94 6.85
N THR B 213 -13.02 22.31 7.83
CA THR B 213 -14.06 21.43 8.35
C THR B 213 -15.08 21.23 7.21
N GLY B 214 -15.27 19.98 6.82
CA GLY B 214 -16.17 19.64 5.72
C GLY B 214 -15.73 20.18 4.39
N LEU B 215 -14.40 20.17 4.13
CA LEU B 215 -13.79 20.60 2.87
C LEU B 215 -14.36 19.72 1.75
N LEU B 216 -14.49 18.40 2.02
CA LEU B 216 -15.13 17.46 1.13
C LEU B 216 -16.52 17.31 1.72
N ASN B 217 -17.52 17.85 1.03
CA ASN B 217 -18.92 17.88 1.48
C ASN B 217 -19.81 17.49 0.29
N ASP B 218 -21.15 17.49 0.46
CA ASP B 218 -22.11 17.14 -0.61
C ASP B 218 -21.89 17.92 -1.89
N ASN B 219 -21.60 19.22 -1.77
CA ASN B 219 -21.37 20.12 -2.90
C ASN B 219 -20.06 19.80 -3.62
N THR B 220 -18.94 19.66 -2.88
CA THR B 220 -17.65 19.34 -3.51
C THR B 220 -17.66 17.92 -4.06
N PHE B 221 -18.34 16.95 -3.38
CA PHE B 221 -18.45 15.57 -3.87
C PHE B 221 -19.20 15.51 -5.21
N ALA B 222 -20.19 16.39 -5.40
CA ALA B 222 -20.96 16.48 -6.64
C ALA B 222 -20.11 17.03 -7.80
N GLN B 223 -19.02 17.76 -7.48
CA GLN B 223 -18.09 18.36 -8.43
C GLN B 223 -17.02 17.36 -8.86
N CYS B 224 -16.83 16.30 -8.07
CA CYS B 224 -15.89 15.22 -8.31
C CYS B 224 -16.31 14.37 -9.49
N LYS B 225 -15.34 13.63 -10.05
CA LYS B 225 -15.57 12.67 -11.11
C LYS B 225 -16.24 11.47 -10.42
N LYS B 226 -17.21 10.84 -11.10
CA LYS B 226 -17.91 9.67 -10.59
C LYS B 226 -16.90 8.55 -10.38
N GLY B 227 -16.94 7.95 -9.20
CA GLY B 227 -16.02 6.88 -8.85
C GLY B 227 -14.75 7.35 -8.16
N VAL B 228 -14.70 8.63 -7.74
CA VAL B 228 -13.54 9.17 -7.02
C VAL B 228 -13.20 8.35 -5.76
N ARG B 229 -11.89 8.24 -5.41
CA ARG B 229 -11.48 7.56 -4.19
C ARG B 229 -10.87 8.59 -3.24
N VAL B 230 -11.28 8.54 -1.99
CA VAL B 230 -10.90 9.56 -1.02
C VAL B 230 -10.07 8.98 0.12
N VAL B 231 -9.01 9.70 0.50
CA VAL B 231 -8.15 9.25 1.60
C VAL B 231 -8.11 10.36 2.64
N ASN B 232 -8.39 10.01 3.91
CA ASN B 232 -8.24 10.96 5.01
C ASN B 232 -7.38 10.37 6.12
N CYS B 233 -6.09 10.67 6.07
CA CYS B 233 -5.09 10.28 7.08
C CYS B 233 -4.61 11.54 7.81
N ALA B 234 -5.44 12.59 7.80
CA ALA B 234 -5.07 13.87 8.42
C ALA B 234 -5.79 14.13 9.76
N ARG B 235 -7.03 14.66 9.71
CA ARG B 235 -7.85 14.99 10.89
C ARG B 235 -9.31 14.65 10.59
N GLY B 236 -9.98 14.03 11.56
CA GLY B 236 -11.39 13.68 11.41
C GLY B 236 -12.23 14.92 11.26
N GLY B 237 -13.09 14.95 10.25
CA GLY B 237 -13.94 16.12 10.02
C GLY B 237 -13.60 16.95 8.80
N ILE B 238 -12.41 16.75 8.23
CA ILE B 238 -12.00 17.46 6.99
C ILE B 238 -12.95 16.94 5.88
N VAL B 239 -13.17 15.61 5.87
CA VAL B 239 -14.11 15.00 4.93
C VAL B 239 -15.38 14.88 5.76
N ASP B 240 -16.46 15.56 5.34
CA ASP B 240 -17.74 15.50 6.03
C ASP B 240 -18.17 14.04 5.98
N GLU B 241 -18.24 13.39 7.15
CA GLU B 241 -18.53 11.96 7.28
C GLU B 241 -19.89 11.53 6.71
N GLY B 242 -20.92 12.35 6.91
CA GLY B 242 -22.25 12.08 6.39
C GLY B 242 -22.29 12.20 4.88
N ALA B 243 -21.62 13.23 4.33
CA ALA B 243 -21.51 13.49 2.89
C ALA B 243 -20.74 12.35 2.21
N LEU B 244 -19.70 11.83 2.88
CA LEU B 244 -18.91 10.71 2.36
C LEU B 244 -19.77 9.45 2.27
N LEU B 245 -20.57 9.16 3.33
CA LEU B 245 -21.45 8.00 3.34
C LEU B 245 -22.45 8.08 2.19
N ARG B 246 -23.02 9.26 1.95
CA ARG B 246 -23.93 9.50 0.84
C ARG B 246 -23.24 9.24 -0.53
N ALA B 247 -21.99 9.74 -0.69
CA ALA B 247 -21.17 9.58 -1.90
C ALA B 247 -20.84 8.11 -2.15
N LEU B 248 -20.51 7.35 -1.08
CA LEU B 248 -20.26 5.92 -1.16
C LEU B 248 -21.55 5.16 -1.52
N GLN B 249 -22.69 5.55 -0.93
CA GLN B 249 -23.97 4.89 -1.17
C GLN B 249 -24.50 5.09 -2.59
N SER B 250 -24.21 6.25 -3.20
CA SER B 250 -24.65 6.58 -4.54
C SER B 250 -23.68 6.07 -5.60
N GLY B 251 -22.43 5.84 -5.20
CA GLY B 251 -21.39 5.41 -6.12
C GLY B 251 -20.56 6.56 -6.66
N GLN B 252 -20.89 7.81 -6.24
CA GLN B 252 -20.15 9.02 -6.61
C GLN B 252 -18.68 8.86 -6.15
N CYS B 253 -18.49 8.24 -4.99
CA CYS B 253 -17.22 7.88 -4.40
C CYS B 253 -17.14 6.34 -4.43
N ALA B 254 -16.17 5.78 -5.17
CA ALA B 254 -16.02 4.32 -5.29
C ALA B 254 -15.27 3.65 -4.13
N GLY B 255 -14.64 4.46 -3.27
CA GLY B 255 -13.91 3.95 -2.12
C GLY B 255 -13.33 5.03 -1.25
N ALA B 256 -13.15 4.73 0.04
CA ALA B 256 -12.58 5.69 0.99
C ALA B 256 -11.66 5.01 1.98
N ALA B 257 -10.57 5.69 2.36
CA ALA B 257 -9.62 5.14 3.32
C ALA B 257 -9.53 6.12 4.46
N LEU B 258 -9.87 5.67 5.68
CA LEU B 258 -9.93 6.57 6.84
C LEU B 258 -9.04 6.16 7.97
N ASP B 259 -8.19 7.09 8.44
CA ASP B 259 -7.33 6.80 9.58
C ASP B 259 -7.83 7.59 10.75
N VAL B 260 -8.59 8.65 10.47
CA VAL B 260 -9.09 9.62 11.43
C VAL B 260 -10.59 9.76 11.36
N PHE B 261 -11.21 10.11 12.50
CA PHE B 261 -12.67 10.23 12.65
C PHE B 261 -13.04 11.43 13.55
N THR B 262 -14.25 12.01 13.38
CA THR B 262 -14.72 13.14 14.22
C THR B 262 -14.80 12.72 15.70
N GLU B 263 -15.04 11.43 15.94
CA GLU B 263 -15.11 10.82 17.27
C GLU B 263 -14.18 9.61 17.21
N GLU B 264 -13.25 9.51 18.16
CA GLU B 264 -12.31 8.39 18.20
C GLU B 264 -12.32 7.66 19.55
N PRO B 265 -12.68 6.35 19.59
CA PRO B 265 -13.12 5.49 18.47
C PRO B 265 -14.49 5.93 17.95
N PRO B 266 -14.81 5.78 16.65
CA PRO B 266 -16.12 6.23 16.18
C PRO B 266 -17.26 5.35 16.70
N ARG B 267 -18.33 5.98 17.19
CA ARG B 267 -19.47 5.22 17.70
C ARG B 267 -20.48 4.95 16.58
N ASP B 268 -20.49 5.83 15.56
CA ASP B 268 -21.30 5.69 14.36
C ASP B 268 -20.47 4.73 13.51
N ARG B 269 -21.04 3.57 13.16
CA ARG B 269 -20.30 2.54 12.44
C ARG B 269 -20.60 2.45 10.94
N ALA B 270 -21.47 3.33 10.41
CA ALA B 270 -21.87 3.34 9.00
C ALA B 270 -20.69 3.41 7.99
N LEU B 271 -19.68 4.28 8.23
CA LEU B 271 -18.54 4.42 7.33
C LEU B 271 -17.62 3.23 7.40
N VAL B 272 -17.15 2.89 8.62
CA VAL B 272 -16.26 1.75 8.88
C VAL B 272 -16.83 0.46 8.29
N ASP B 273 -18.13 0.22 8.49
CA ASP B 273 -18.80 -0.99 8.01
C ASP B 273 -19.03 -1.01 6.50
N HIS B 274 -18.92 0.14 5.81
CA HIS B 274 -19.13 0.18 4.36
C HIS B 274 -18.11 -0.69 3.65
N GLU B 275 -18.59 -1.54 2.71
CA GLU B 275 -17.75 -2.48 1.97
C GLU B 275 -16.61 -1.83 1.20
N ASN B 276 -16.78 -0.57 0.75
CA ASN B 276 -15.78 0.18 0.00
C ASN B 276 -14.94 1.08 0.90
N VAL B 277 -15.06 0.91 2.21
CA VAL B 277 -14.28 1.71 3.14
C VAL B 277 -13.24 0.87 3.80
N ILE B 278 -12.02 1.36 3.77
CA ILE B 278 -10.91 0.72 4.48
C ILE B 278 -10.53 1.70 5.58
N SER B 279 -10.06 1.19 6.72
CA SER B 279 -9.77 2.04 7.88
C SER B 279 -8.73 1.50 8.81
N CYS B 280 -8.21 2.39 9.66
CA CYS B 280 -7.20 2.09 10.65
C CYS B 280 -7.55 2.84 11.94
N PRO B 281 -7.18 2.30 13.12
CA PRO B 281 -7.44 3.03 14.37
C PRO B 281 -6.44 4.17 14.64
N HIS B 282 -6.44 5.23 13.78
CA HIS B 282 -5.54 6.39 13.89
C HIS B 282 -4.08 5.94 14.01
N LEU B 283 -3.58 5.26 12.99
CA LEU B 283 -2.23 4.70 12.99
C LEU B 283 -1.19 5.55 12.26
N GLY B 284 -1.56 6.76 11.85
CA GLY B 284 -0.70 7.69 11.12
C GLY B 284 0.70 7.88 11.70
N ALA B 285 0.78 7.97 13.03
CA ALA B 285 2.02 8.19 13.79
C ALA B 285 2.53 6.89 14.42
N SER B 286 1.82 5.78 14.19
CA SER B 286 2.12 4.51 14.84
C SER B 286 3.19 3.66 14.14
N THR B 287 4.44 4.12 14.25
CA THR B 287 5.62 3.40 13.79
C THR B 287 6.68 3.58 14.85
N LYS B 288 7.54 2.57 15.01
CA LYS B 288 8.67 2.59 15.94
C LYS B 288 9.54 3.82 15.69
N GLU B 289 9.76 4.14 14.41
CA GLU B 289 10.57 5.25 13.95
C GLU B 289 9.96 6.62 14.28
N ALA B 290 8.65 6.82 13.99
CA ALA B 290 7.94 8.08 14.30
C ALA B 290 7.96 8.36 15.80
N GLN B 291 7.68 7.32 16.62
CA GLN B 291 7.69 7.43 18.08
C GLN B 291 9.07 7.85 18.58
N SER B 292 10.15 7.30 17.97
CA SER B 292 11.54 7.61 18.32
C SER B 292 11.87 9.06 18.00
N ARG B 293 11.51 9.52 16.79
CA ARG B 293 11.74 10.90 16.36
C ARG B 293 10.99 11.90 17.24
N CYS B 294 9.70 11.63 17.56
CA CYS B 294 8.87 12.47 18.42
C CYS B 294 9.44 12.57 19.82
N GLY B 295 9.89 11.43 20.37
CA GLY B 295 10.51 11.35 21.68
C GLY B 295 11.79 12.16 21.74
N GLU B 296 12.59 12.08 20.66
CA GLU B 296 13.83 12.83 20.51
C GLU B 296 13.55 14.33 20.39
N GLU B 297 12.68 14.73 19.44
CA GLU B 297 12.32 16.12 19.19
C GLU B 297 11.72 16.82 20.41
N ILE B 298 10.93 16.10 21.24
CA ILE B 298 10.37 16.72 22.45
C ILE B 298 11.46 16.86 23.54
N ALA B 299 12.35 15.86 23.66
CA ALA B 299 13.45 15.90 24.63
C ALA B 299 14.45 17.03 24.30
N VAL B 300 14.74 17.25 23.00
CA VAL B 300 15.63 18.30 22.51
C VAL B 300 15.06 19.69 22.85
N GLN B 301 13.74 19.91 22.58
CA GLN B 301 13.03 21.16 22.89
C GLN B 301 13.11 21.52 24.39
N PHE B 302 12.93 20.51 25.26
CA PHE B 302 12.99 20.64 26.72
C PHE B 302 14.41 21.01 27.18
N VAL B 303 15.45 20.42 26.54
CA VAL B 303 16.87 20.68 26.80
C VAL B 303 17.24 22.09 26.30
N ASP B 304 16.68 22.51 25.13
CA ASP B 304 16.87 23.83 24.53
C ASP B 304 16.40 24.92 25.50
N MET B 305 15.28 24.67 26.21
CA MET B 305 14.65 25.53 27.20
C MET B 305 15.55 25.75 28.43
N VAL B 306 16.16 24.67 28.96
CA VAL B 306 17.04 24.74 30.13
C VAL B 306 18.43 25.27 29.78
S SO4 C . -7.78 -13.08 -16.09
O1 SO4 C . -7.85 -12.82 -17.53
O2 SO4 C . -9.05 -13.62 -15.63
O3 SO4 C . -6.71 -14.03 -15.82
O4 SO4 C . -7.51 -11.83 -15.37
C4 K52 D . 12.36 -12.20 -16.92
C5 K52 D . 15.43 -10.77 -16.50
C7 K52 D . 11.75 -11.91 -14.22
C8 K52 D . 11.04 -12.16 -16.50
C10 K52 D . 15.32 -14.30 -15.32
C15 K52 D . 16.47 -15.69 -12.14
C17 K52 D . 16.22 -17.31 -15.30
C20 K52 D . 17.58 -16.81 -8.72
C21 K52 D . 17.50 -15.63 -8.00
C22 K52 D . 17.10 -14.45 -8.63
C28 K52 D . 8.54 -9.67 -15.83
C1 K52 D . 13.38 -12.07 -15.98
C2 K52 D . 14.83 -12.17 -16.41
C3 K52 D . 13.07 -11.95 -14.63
N6 K52 D . 15.48 -12.96 -15.35
C9 K52 D . 10.74 -12.02 -15.14
O11 K52 D . 14.69 -14.88 -16.20
C12 K52 D . 15.88 -15.06 -14.19
N13 K52 D . 16.24 -16.38 -14.16
N14 K52 D . 16.61 -16.70 -12.97
C16 K52 D . 15.98 -14.59 -12.89
C18 K52 D . 16.81 -15.68 -10.70
C19 K52 D . 17.25 -16.84 -10.07
C23 K52 D . 16.78 -14.47 -9.98
S24 K52 D . 9.06 -11.95 -14.60
O25 K52 D . 8.51 -13.25 -14.74
O26 K52 D . 9.10 -11.24 -13.36
N27 K52 D . 8.29 -10.99 -15.71
O29 K52 D . 9.35 -9.12 -15.11
C30 K52 D . 7.81 -8.88 -16.88
C4 K52 E . 0.84 23.06 7.32
C5 K52 E . 1.32 24.48 4.14
C7 K52 E . -0.52 20.93 6.15
C8 K52 E . 0.72 21.83 7.98
C10 K52 E . -2.06 25.13 5.64
C15 K52 E . -5.25 24.78 3.90
C17 K52 E . -4.39 27.03 6.50
C20 K52 E . -8.37 24.29 1.83
C21 K52 E . -7.94 23.34 0.92
C22 K52 E . -6.65 22.84 0.98
C28 K52 E . 2.41 18.56 7.94
C1 K52 E . 0.29 23.20 6.04
C2 K52 E . 0.34 24.53 5.32
C3 K52 E . -0.40 22.15 5.47
N6 K52 E . -1.03 24.74 4.83
C9 K52 E . 0.05 20.77 7.40
O11 K52 E . -1.88 25.40 6.82
C12 K52 E . -3.42 25.20 5.08
N13 K52 E . -4.45 25.99 5.47
N14 K52 E . -5.50 25.72 4.78
C16 K52 E . -3.91 24.40 4.05
C18 K52 E . -6.20 24.26 2.87
C19 K52 E . -7.50 24.77 2.80
C23 K52 E . -5.77 23.32 1.93
S24 K52 E . -0.13 19.22 8.26
O25 K52 E . -0.88 19.51 9.42
O26 K52 E . -0.54 18.24 7.32
N27 K52 E . 1.40 18.84 8.78
O29 K52 E . 2.25 18.53 6.74
C30 K52 E . 3.76 18.24 8.57
#